data_6FYO
#
_entry.id   6FYO
#
_cell.length_a   62.039
_cell.length_b   49.511
_cell.length_c   65.514
_cell.angle_alpha   90.000
_cell.angle_beta   117.550
_cell.angle_gamma   90.000
#
_symmetry.space_group_name_H-M   'P 1 21 1'
#
loop_
_entity.id
_entity.type
_entity.pdbx_description
1 polymer 'Dual specificity protein kinase CLK1'
2 non-polymer 6-~{tert}-butyl-~{N}-[6-(1~{H}-pyrazol-4-yl)-1~{H}-imidazo[1,2-a]pyridin-2-yl]pyridine-3-carboxamide
3 non-polymer 'SULFATE ION'
4 water water
#
_entity_poly.entity_id   1
_entity_poly.type   'polypeptide(L)'
_entity_poly.pdbx_seq_one_letter_code
;GPHLICQSGDVLSARYEIVDTLGEGAFGKVVECIDHKAGGRHVAVKIVKNVDRYCEAARSEIQVLEHLNTTDPNSTFRCV
QMLEWFEHHGHICIVFELLGLSTYDFIKENGFLPFRLDHIRKMAYQICKSVNFLHSNKLTHTDLKPENILFVQSDYTEAY
NPKIKRDERTLINPDIKVVDFGSATYDDEHHSTLVSTRHYRAPEVILALGWSQPCDVWSIGCILIEYYLGFTVFPTHDSK
EHLAMMERILGPLPKHMIQKTRKRKYFHHDRLDWDEHSSAGRYVSRRCKPLKEFMLSQDVEHERLFDLIQKMLEYDPAKR
ITLREALKHPFFDLLKKSI
;
_entity_poly.pdbx_strand_id   A
#
# COMPACT_ATOMS: atom_id res chain seq x y z
N HIS A 3 -8.67 20.07 14.92
CA HIS A 3 -7.79 20.84 15.84
C HIS A 3 -8.52 21.40 17.06
N LEU A 4 -9.85 21.44 16.98
CA LEU A 4 -10.67 21.96 18.08
C LEU A 4 -10.72 21.02 19.29
N ILE A 5 -10.73 19.71 19.04
CA ILE A 5 -10.87 18.71 20.11
C ILE A 5 -9.69 17.73 20.21
N CYS A 6 -8.59 18.02 19.49
CA CYS A 6 -7.41 17.15 19.51
C CYS A 6 -6.09 17.91 19.72
N GLN A 7 -6.11 18.87 20.65
CA GLN A 7 -4.90 19.59 21.05
C GLN A 7 -4.07 18.76 22.03
N SER A 8 -2.80 19.13 22.21
CA SER A 8 -1.89 18.43 23.13
C SER A 8 -2.35 18.54 24.59
N GLY A 9 -2.07 17.49 25.36
CA GLY A 9 -2.42 17.44 26.77
C GLY A 9 -3.79 16.83 27.05
N ASP A 10 -4.66 16.82 26.04
CA ASP A 10 -6.00 16.26 26.16
C ASP A 10 -5.98 14.80 26.56
N VAL A 11 -6.74 14.46 27.60
CA VAL A 11 -6.88 13.07 28.05
C VAL A 11 -8.19 12.50 27.50
N LEU A 12 -8.13 12.04 26.24
CA LEU A 12 -9.29 11.49 25.52
C LEU A 12 -9.91 10.32 26.29
N SER A 13 -11.22 10.42 26.54
CA SER A 13 -11.98 9.40 27.27
C SER A 13 -11.37 9.05 28.64
N ALA A 14 -10.76 10.05 29.28
CA ALA A 14 -10.14 9.92 30.61
C ALA A 14 -9.12 8.77 30.75
N ARG A 15 -8.30 8.58 29.72
CA ARG A 15 -7.29 7.51 29.72
C ARG A 15 -6.09 7.84 28.82
N TYR A 16 -6.35 8.50 27.70
CA TYR A 16 -5.33 8.70 26.66
C TYR A 16 -4.88 10.14 26.54
N GLU A 17 -3.70 10.42 27.08
CA GLU A 17 -3.11 11.75 26.99
C GLU A 17 -2.44 11.95 25.63
N ILE A 18 -3.00 12.86 24.83
CA ILE A 18 -2.40 13.25 23.55
C ILE A 18 -1.07 13.93 23.83
N VAL A 19 -0.03 13.50 23.10
CA VAL A 19 1.29 14.12 23.21
C VAL A 19 1.85 14.56 21.86
N ASP A 20 1.22 14.11 20.78
CA ASP A 20 1.65 14.47 19.43
C ASP A 20 0.61 14.11 18.37
N THR A 21 0.67 14.79 17.24
CA THR A 21 -0.12 14.44 16.07
C THR A 21 0.84 13.87 15.02
N LEU A 22 0.49 12.70 14.49
CA LEU A 22 1.39 11.96 13.60
C LEU A 22 0.99 12.05 12.12
N GLY A 23 -0.29 12.27 11.87
CA GLY A 23 -0.82 12.33 10.50
C GLY A 23 -2.17 13.00 10.42
N GLU A 24 -2.43 13.67 9.29
CA GLU A 24 -3.67 14.42 9.06
C GLU A 24 -4.17 14.30 7.63
N GLY A 25 -5.48 14.20 7.47
CA GLY A 25 -6.08 14.11 6.14
C GLY A 25 -7.60 14.07 6.19
N ALA A 26 -8.22 13.70 5.06
CA ALA A 26 -9.67 13.61 4.95
C ALA A 26 -10.24 12.57 5.90
N PHE A 27 -9.45 11.52 6.17
CA PHE A 27 -9.84 10.44 7.08
C PHE A 27 -10.06 10.93 8.51
N GLY A 28 -9.33 11.97 8.88
CA GLY A 28 -9.28 12.45 10.25
C GLY A 28 -7.84 12.65 10.66
N LYS A 29 -7.50 12.23 11.88
CA LYS A 29 -6.13 12.37 12.38
C LYS A 29 -5.62 11.11 13.09
N VAL A 30 -4.32 10.85 12.95
CA VAL A 30 -3.65 9.86 13.78
C VAL A 30 -2.78 10.62 14.78
N VAL A 31 -2.98 10.32 16.07
CA VAL A 31 -2.23 10.98 17.13
C VAL A 31 -1.46 9.99 17.98
N GLU A 32 -0.32 10.43 18.51
CA GLU A 32 0.41 9.66 19.51
C GLU A 32 -0.17 9.97 20.88
N CYS A 33 -0.40 8.92 21.67
CA CYS A 33 -0.98 9.08 22.99
C CYS A 33 -0.24 8.28 24.06
N ILE A 34 -0.22 8.83 25.27
CA ILE A 34 0.22 8.11 26.45
C ILE A 34 -0.99 7.38 27.02
N ASP A 35 -0.88 6.07 27.19
CA ASP A 35 -1.94 5.30 27.81
C ASP A 35 -1.65 5.10 29.29
N HIS A 36 -2.32 5.90 30.12
CA HIS A 36 -2.07 5.93 31.56
C HIS A 36 -2.53 4.67 32.28
N LYS A 37 -3.57 4.03 31.76
CA LYS A 37 -4.08 2.79 32.32
C LYS A 37 -3.33 1.57 31.78
N ALA A 38 -2.38 1.81 30.89
CA ALA A 38 -1.44 0.79 30.43
C ALA A 38 -0.01 1.14 30.84
N GLY A 39 0.12 2.14 31.72
CA GLY A 39 1.40 2.52 32.32
C GLY A 39 2.26 3.45 31.48
N GLY A 40 1.61 4.42 30.83
CA GLY A 40 2.33 5.40 30.04
C GLY A 40 2.86 4.91 28.70
N ARG A 41 2.57 3.66 28.37
CA ARG A 41 2.96 3.07 27.09
C ARG A 41 2.35 3.88 25.95
N HIS A 42 3.20 4.27 25.00
CA HIS A 42 2.78 5.09 23.87
C HIS A 42 1.99 4.27 22.84
N VAL A 43 0.87 4.84 22.40
CA VAL A 43 -0.01 4.20 21.41
C VAL A 43 -0.40 5.18 20.32
N ALA A 44 -0.86 4.66 19.20
CA ALA A 44 -1.42 5.49 18.14
C ALA A 44 -2.95 5.45 18.22
N VAL A 45 -3.57 6.62 18.11
CA VAL A 45 -5.04 6.72 18.13
C VAL A 45 -5.53 7.41 16.86
N LYS A 46 -6.37 6.70 16.11
CA LYS A 46 -6.96 7.22 14.90
C LYS A 46 -8.29 7.87 15.26
N ILE A 47 -8.34 9.19 15.13
CA ILE A 47 -9.57 9.95 15.37
C ILE A 47 -10.28 10.13 14.04
N VAL A 48 -11.42 9.45 13.89
CA VAL A 48 -12.10 9.37 12.61
C VAL A 48 -13.02 10.58 12.37
N LYS A 49 -12.90 11.17 11.19
CA LYS A 49 -13.77 12.27 10.78
C LYS A 49 -15.25 11.90 10.82
N ASN A 50 -16.09 12.90 11.08
CA ASN A 50 -17.53 12.69 11.21
C ASN A 50 -18.25 12.55 9.86
N VAL A 51 -17.49 12.14 8.84
CA VAL A 51 -18.03 11.87 7.52
C VAL A 51 -18.58 10.44 7.49
N ASP A 52 -19.74 10.27 6.86
CA ASP A 52 -20.41 8.98 6.74
C ASP A 52 -19.47 7.88 6.21
N ARG A 53 -18.78 8.20 5.10
CA ARG A 53 -17.85 7.29 4.44
C ARG A 53 -16.78 6.74 5.39
N TYR A 54 -16.30 7.59 6.29
CA TYR A 54 -15.22 7.22 7.19
C TYR A 54 -15.69 6.57 8.47
N CYS A 55 -16.96 6.76 8.83
CA CYS A 55 -17.57 6.00 9.92
C CYS A 55 -17.77 4.54 9.51
N GLU A 56 -18.16 4.35 8.24
CA GLU A 56 -18.32 3.03 7.64
C GLU A 56 -16.99 2.28 7.54
N ALA A 57 -15.95 2.99 7.07
CA ALA A 57 -14.59 2.42 7.00
C ALA A 57 -14.05 2.08 8.39
N ALA A 58 -14.31 2.96 9.37
CA ALA A 58 -13.90 2.74 10.75
C ALA A 58 -14.58 1.51 11.36
N ARG A 59 -15.90 1.40 11.14
CA ARG A 59 -16.68 0.22 11.56
C ARG A 59 -16.04 -1.05 11.03
N SER A 60 -15.70 -1.01 9.74
CA SER A 60 -15.17 -2.17 9.05
C SER A 60 -13.72 -2.49 9.45
N GLU A 61 -12.91 -1.47 9.69
CA GLU A 61 -11.53 -1.69 10.19
C GLU A 61 -11.52 -2.37 11.57
N ILE A 62 -12.42 -1.94 12.45
CA ILE A 62 -12.58 -2.55 13.77
C ILE A 62 -12.95 -4.04 13.65
N GLN A 63 -13.94 -4.32 12.80
CA GLN A 63 -14.42 -5.67 12.57
C GLN A 63 -13.33 -6.59 11.99
N VAL A 64 -12.63 -6.12 10.97
CA VAL A 64 -11.55 -6.87 10.31
C VAL A 64 -10.39 -7.16 11.28
N LEU A 65 -9.97 -6.16 12.04
CA LEU A 65 -8.84 -6.33 12.96
C LEU A 65 -9.20 -7.15 14.21
N GLU A 66 -10.42 -7.02 14.72
CA GLU A 66 -10.91 -7.93 15.76
C GLU A 66 -10.82 -9.39 15.30
N HIS A 67 -11.12 -9.62 14.02
CA HIS A 67 -11.01 -10.95 13.43
C HIS A 67 -9.56 -11.40 13.25
N LEU A 68 -8.74 -10.53 12.67
CA LEU A 68 -7.33 -10.83 12.38
C LEU A 68 -6.47 -10.96 13.65
N ASN A 69 -6.62 -10.02 14.59
CA ASN A 69 -5.86 -10.05 15.84
C ASN A 69 -6.26 -11.24 16.72
N THR A 70 -7.45 -11.78 16.46
CA THR A 70 -7.95 -12.96 17.16
C THR A 70 -7.39 -14.25 16.56
N THR A 71 -7.20 -14.27 15.25
CA THR A 71 -6.62 -15.42 14.56
C THR A 71 -5.08 -15.41 14.73
N ASP A 72 -4.51 -14.21 14.74
CA ASP A 72 -3.06 -14.04 14.87
C ASP A 72 -2.71 -13.06 16.00
N PRO A 73 -2.86 -13.50 17.27
CA PRO A 73 -2.65 -12.61 18.42
C PRO A 73 -1.19 -12.19 18.63
N ASN A 74 -0.25 -13.01 18.16
CA ASN A 74 1.18 -12.71 18.29
C ASN A 74 1.69 -11.82 17.17
N SER A 75 0.82 -11.54 16.19
CA SER A 75 1.15 -10.76 14.99
C SER A 75 2.26 -11.41 14.16
N THR A 76 2.18 -12.73 14.02
CA THR A 76 3.11 -13.53 13.23
C THR A 76 3.06 -13.13 11.75
N PHE A 77 1.92 -12.63 11.31
CA PHE A 77 1.74 -12.23 9.92
C PHE A 77 1.70 -10.71 9.74
N ARG A 78 2.10 -9.98 10.78
CA ARG A 78 2.47 -8.56 10.69
C ARG A 78 1.34 -7.59 10.27
N CYS A 79 0.13 -7.89 10.69
CA CYS A 79 -0.95 -6.91 10.67
C CYS A 79 -0.83 -6.09 11.95
N VAL A 80 -1.07 -4.78 11.84
CA VAL A 80 -1.03 -3.89 13.01
C VAL A 80 -2.05 -4.38 14.06
N GLN A 81 -1.66 -4.28 15.33
CA GLN A 81 -2.56 -4.65 16.42
C GLN A 81 -3.51 -3.52 16.79
N MET A 82 -4.80 -3.81 16.79
CA MET A 82 -5.80 -2.91 17.34
C MET A 82 -5.99 -3.24 18.81
N LEU A 83 -5.81 -2.23 19.66
CA LEU A 83 -5.84 -2.43 21.11
C LEU A 83 -7.26 -2.26 21.66
N GLU A 84 -7.93 -1.19 21.25
CA GLU A 84 -9.35 -0.97 21.56
C GLU A 84 -9.96 0.17 20.74
N TRP A 85 -11.25 0.39 20.91
CA TRP A 85 -11.94 1.49 20.24
C TRP A 85 -13.03 2.05 21.16
N PHE A 86 -13.36 3.32 20.94
CA PHE A 86 -14.39 4.01 21.73
C PHE A 86 -14.92 5.22 20.97
N GLU A 87 -15.89 5.91 21.56
CA GLU A 87 -16.36 7.19 21.04
C GLU A 87 -16.04 8.30 22.04
N HIS A 88 -15.61 9.43 21.52
CA HIS A 88 -15.26 10.60 22.32
C HIS A 88 -15.51 11.87 21.50
N HIS A 89 -16.33 12.76 22.06
CA HIS A 89 -16.75 14.01 21.43
C HIS A 89 -17.48 13.84 20.09
N GLY A 90 -18.12 12.67 19.90
CA GLY A 90 -18.88 12.40 18.68
C GLY A 90 -18.10 11.70 17.57
N HIS A 91 -16.85 11.34 17.86
CA HIS A 91 -15.97 10.68 16.89
C HIS A 91 -15.67 9.25 17.31
N ILE A 92 -15.43 8.38 16.32
CA ILE A 92 -14.91 7.05 16.58
C ILE A 92 -13.39 7.13 16.72
N CYS A 93 -12.86 6.51 17.77
CA CYS A 93 -11.43 6.48 18.02
C CYS A 93 -10.93 5.05 18.08
N ILE A 94 -9.94 4.74 17.26
CA ILE A 94 -9.37 3.41 17.23
C ILE A 94 -7.94 3.47 17.75
N VAL A 95 -7.64 2.61 18.72
CA VAL A 95 -6.35 2.56 19.39
C VAL A 95 -5.50 1.43 18.81
N PHE A 96 -4.31 1.77 18.35
CA PHE A 96 -3.36 0.80 17.80
C PHE A 96 -2.04 0.84 18.57
N GLU A 97 -1.32 -0.28 18.55
CA GLU A 97 0.10 -0.30 18.90
C GLU A 97 0.80 0.78 18.07
N LEU A 98 1.70 1.53 18.71
CA LEU A 98 2.44 2.57 18.02
C LEU A 98 3.52 1.98 17.09
N LEU A 99 3.50 2.42 15.83
CA LEU A 99 4.55 2.06 14.88
C LEU A 99 5.39 3.28 14.55
N GLY A 100 6.37 3.11 13.67
CA GLY A 100 7.23 4.21 13.25
C GLY A 100 6.81 4.82 11.92
N LEU A 101 7.79 5.40 11.24
CA LEU A 101 7.64 6.05 9.95
C LEU A 101 7.13 5.07 8.89
N SER A 102 6.21 5.53 8.04
CA SER A 102 5.78 4.75 6.89
C SER A 102 6.95 4.60 5.93
N THR A 103 6.87 3.61 5.05
CA THR A 103 7.95 3.35 4.10
C THR A 103 8.08 4.50 3.09
N TYR A 104 6.94 5.10 2.77
CA TYR A 104 6.89 6.31 1.95
C TYR A 104 7.65 7.45 2.63
N ASP A 105 7.27 7.77 3.87
CA ASP A 105 7.88 8.85 4.63
C ASP A 105 9.39 8.70 4.70
N PHE A 106 9.85 7.46 4.86
CA PHE A 106 11.27 7.19 4.99
C PHE A 106 12.04 7.50 3.71
N ILE A 107 11.55 7.01 2.56
CA ILE A 107 12.17 7.32 1.26
C ILE A 107 12.21 8.84 1.07
N LYS A 108 11.06 9.48 1.28
CA LYS A 108 10.92 10.92 1.22
C LYS A 108 12.00 11.62 2.05
N GLU A 109 12.10 11.27 3.33
CA GLU A 109 13.04 11.93 4.25
C GLU A 109 14.49 11.56 4.02
N ASN A 110 14.72 10.64 3.09
CA ASN A 110 16.06 10.19 2.72
C ASN A 110 16.45 10.72 1.33
N GLY A 111 15.91 11.89 0.97
CA GLY A 111 16.20 12.52 -0.33
C GLY A 111 15.74 11.68 -1.52
N PHE A 112 14.64 10.95 -1.31
CA PHE A 112 14.08 10.03 -2.30
C PHE A 112 15.04 8.94 -2.81
N LEU A 113 15.94 8.50 -1.94
CA LEU A 113 16.78 7.34 -2.23
C LEU A 113 16.00 6.05 -2.08
N PRO A 114 16.20 5.09 -3.01
CA PRO A 114 15.54 3.79 -2.93
C PRO A 114 16.15 2.92 -1.83
N PHE A 115 15.43 1.89 -1.41
CA PHE A 115 16.00 0.95 -0.44
C PHE A 115 17.04 0.04 -1.11
N ARG A 116 17.97 -0.46 -0.30
CA ARG A 116 18.93 -1.45 -0.75
C ARG A 116 18.19 -2.76 -1.03
N LEU A 117 18.70 -3.54 -1.98
CA LEU A 117 18.04 -4.77 -2.44
C LEU A 117 17.84 -5.81 -1.33
N ASP A 118 18.82 -5.93 -0.44
CA ASP A 118 18.70 -6.85 0.69
C ASP A 118 17.54 -6.44 1.61
N HIS A 119 17.33 -5.14 1.77
CA HIS A 119 16.19 -4.62 2.52
C HIS A 119 14.86 -4.83 1.79
N ILE A 120 14.87 -4.67 0.46
CA ILE A 120 13.66 -4.89 -0.35
C ILE A 120 13.20 -6.34 -0.27
N ARG A 121 14.15 -7.27 -0.30
CA ARG A 121 13.85 -8.69 -0.21
C ARG A 121 13.12 -9.03 1.10
N LYS A 122 13.63 -8.50 2.21
CA LYS A 122 13.04 -8.70 3.53
C LYS A 122 11.65 -8.04 3.65
N MET A 123 11.55 -6.81 3.16
CA MET A 123 10.28 -6.06 3.21
C MET A 123 9.23 -6.68 2.30
N ALA A 124 9.65 -7.07 1.09
CA ALA A 124 8.78 -7.75 0.13
C ALA A 124 8.24 -9.06 0.70
N TYR A 125 9.13 -9.81 1.37
CA TYR A 125 8.75 -11.09 1.97
C TYR A 125 7.73 -10.89 3.08
N GLN A 126 7.95 -9.86 3.90
CA GLN A 126 7.06 -9.56 5.01
C GLN A 126 5.73 -9.03 4.50
N ILE A 127 5.74 -8.24 3.44
CA ILE A 127 4.50 -7.74 2.82
C ILE A 127 3.69 -8.91 2.27
N CYS A 128 4.34 -9.80 1.52
CA CYS A 128 3.67 -10.94 0.90
C CYS A 128 3.09 -11.92 1.92
N LYS A 129 3.86 -12.21 2.96
CA LYS A 129 3.42 -13.03 4.09
C LYS A 129 2.17 -12.44 4.74
N SER A 130 2.20 -11.13 4.97
CA SER A 130 1.09 -10.44 5.64
C SER A 130 -0.20 -10.47 4.82
N VAL A 131 -0.09 -10.13 3.54
CA VAL A 131 -1.25 -10.02 2.67
C VAL A 131 -1.75 -11.42 2.25
N ASN A 132 -0.82 -12.38 2.15
CA ASN A 132 -1.20 -13.78 1.91
C ASN A 132 -2.06 -14.31 3.06
N PHE A 133 -1.72 -13.92 4.29
CA PHE A 133 -2.51 -14.24 5.48
C PHE A 133 -3.93 -13.71 5.37
N LEU A 134 -4.07 -12.46 4.89
CA LEU A 134 -5.39 -11.86 4.64
C LEU A 134 -6.17 -12.67 3.61
N HIS A 135 -5.49 -13.01 2.53
CA HIS A 135 -6.07 -13.75 1.41
C HIS A 135 -6.58 -15.13 1.83
N SER A 136 -5.85 -15.77 2.75
CA SER A 136 -6.24 -17.07 3.30
CA SER A 136 -6.25 -17.07 3.29
C SER A 136 -7.46 -16.95 4.21
N ASN A 137 -7.74 -15.74 4.66
CA ASN A 137 -8.88 -15.45 5.54
C ASN A 137 -10.03 -14.75 4.80
N LYS A 138 -10.08 -14.99 3.49
CA LYS A 138 -11.14 -14.50 2.59
C LYS A 138 -11.24 -12.97 2.57
N LEU A 139 -10.08 -12.31 2.62
CA LEU A 139 -10.01 -10.86 2.63
C LEU A 139 -9.11 -10.30 1.53
N THR A 140 -9.53 -9.16 0.98
CA THR A 140 -8.71 -8.36 0.08
C THR A 140 -8.52 -7.00 0.75
N HIS A 141 -7.27 -6.56 0.87
CA HIS A 141 -6.95 -5.27 1.49
C HIS A 141 -7.45 -4.07 0.66
N THR A 142 -7.21 -4.15 -0.66
CA THR A 142 -7.60 -3.13 -1.66
C THR A 142 -6.85 -1.79 -1.63
N ASP A 143 -6.25 -1.42 -0.51
CA ASP A 143 -5.58 -0.12 -0.40
C ASP A 143 -4.10 -0.20 0.01
N LEU A 144 -3.38 -1.16 -0.59
CA LEU A 144 -1.96 -1.30 -0.35
C LEU A 144 -1.14 -0.25 -1.08
N LYS A 145 -0.25 0.40 -0.34
CA LYS A 145 0.62 1.46 -0.85
C LYS A 145 1.71 1.72 0.19
N PRO A 146 2.79 2.44 -0.18
CA PRO A 146 3.92 2.69 0.73
C PRO A 146 3.51 3.41 2.02
N GLU A 147 2.51 4.28 1.94
CA GLU A 147 1.97 4.97 3.11
C GLU A 147 1.26 4.04 4.10
N ASN A 148 0.81 2.88 3.61
CA ASN A 148 0.15 1.88 4.45
C ASN A 148 1.06 0.72 4.87
N ILE A 149 2.34 0.82 4.53
CA ILE A 149 3.36 -0.10 5.03
C ILE A 149 4.24 0.68 6.00
N LEU A 150 4.15 0.36 7.29
CA LEU A 150 4.85 1.11 8.33
C LEU A 150 5.98 0.29 8.96
N PHE A 151 7.14 0.91 9.14
CA PHE A 151 8.22 0.31 9.92
C PHE A 151 7.86 0.16 11.40
N VAL A 152 8.26 -0.95 12.00
CA VAL A 152 8.08 -1.18 13.43
C VAL A 152 8.92 -0.15 14.22
N GLN A 153 10.13 0.10 13.74
CA GLN A 153 11.09 1.03 14.35
CA GLN A 153 11.03 1.08 14.34
C GLN A 153 11.70 1.92 13.26
N SER A 154 11.68 3.24 13.46
CA SER A 154 12.20 4.16 12.46
CA SER A 154 12.18 4.22 12.49
C SER A 154 13.67 4.55 12.65
N ASP A 155 14.26 4.14 13.77
CA ASP A 155 15.68 4.42 14.07
C ASP A 155 16.59 4.13 12.88
N TYR A 156 17.56 5.02 12.67
CA TYR A 156 18.52 4.86 11.59
C TYR A 156 19.93 5.31 11.99
N THR A 157 20.91 4.79 11.27
CA THR A 157 22.27 5.31 11.37
C THR A 157 22.52 6.24 10.19
N GLU A 158 23.46 7.15 10.36
CA GLU A 158 23.76 8.14 9.34
C GLU A 158 25.23 8.05 8.94
N ALA A 159 25.49 8.12 7.64
CA ALA A 159 26.86 8.09 7.13
C ALA A 159 26.96 8.80 5.79
N TYR A 160 28.06 9.51 5.58
CA TYR A 160 28.31 10.20 4.31
C TYR A 160 28.55 9.20 3.20
N ASN A 161 27.87 9.43 2.08
CA ASN A 161 27.94 8.53 0.93
C ASN A 161 28.72 9.15 -0.24
N LYS A 165 27.87 12.66 -2.31
CA LYS A 165 26.63 13.44 -2.42
C LYS A 165 26.29 14.07 -1.07
N ARG A 166 25.81 13.24 -0.13
CA ARG A 166 25.41 13.67 1.22
C ARG A 166 25.25 12.47 2.16
N ASP A 167 24.74 12.73 3.37
CA ASP A 167 24.51 11.68 4.36
C ASP A 167 23.39 10.72 3.95
N GLU A 168 23.64 9.43 4.10
CA GLU A 168 22.64 8.38 3.89
C GLU A 168 22.06 7.94 5.23
N ARG A 169 20.74 7.69 5.24
CA ARG A 169 20.10 7.07 6.39
C ARG A 169 19.88 5.59 6.11
N THR A 170 20.25 4.76 7.09
CA THR A 170 20.10 3.32 6.97
C THR A 170 19.32 2.78 8.17
N LEU A 171 18.19 2.11 7.87
CA LEU A 171 17.36 1.49 8.90
C LEU A 171 18.17 0.60 9.82
N ILE A 172 17.98 0.76 11.12
CA ILE A 172 18.52 -0.17 12.11
C ILE A 172 17.72 -1.49 12.06
N ASN A 173 16.41 -1.37 11.83
CA ASN A 173 15.50 -2.50 11.69
C ASN A 173 14.48 -2.27 10.56
N PRO A 174 14.58 -3.07 9.47
CA PRO A 174 13.71 -2.89 8.29
C PRO A 174 12.33 -3.53 8.41
N ASP A 175 12.03 -4.16 9.54
CA ASP A 175 10.75 -4.84 9.73
C ASP A 175 9.54 -3.91 9.62
N ILE A 176 8.48 -4.42 9.01
CA ILE A 176 7.30 -3.63 8.72
C ILE A 176 6.03 -4.28 9.25
N LYS A 177 4.96 -3.49 9.32
CA LYS A 177 3.61 -4.01 9.51
C LYS A 177 2.64 -3.34 8.53
N VAL A 178 1.53 -4.00 8.25
CA VAL A 178 0.51 -3.47 7.35
C VAL A 178 -0.58 -2.78 8.17
N VAL A 179 -1.05 -1.62 7.70
CA VAL A 179 -2.06 -0.83 8.40
C VAL A 179 -3.26 -0.47 7.49
N ASP A 180 -4.21 0.28 8.04
CA ASP A 180 -5.40 0.79 7.33
C ASP A 180 -6.26 -0.31 6.71
N PHE A 181 -7.08 -0.94 7.53
CA PHE A 181 -7.97 -2.02 7.08
C PHE A 181 -9.40 -1.54 6.89
N GLY A 182 -9.57 -0.24 6.66
CA GLY A 182 -10.88 0.38 6.46
C GLY A 182 -11.53 0.05 5.12
N SER A 183 -10.70 -0.30 4.14
CA SER A 183 -11.19 -0.69 2.81
C SER A 183 -11.18 -2.22 2.58
N ALA A 184 -10.61 -2.96 3.53
CA ALA A 184 -10.54 -4.42 3.46
C ALA A 184 -11.93 -5.03 3.22
N THR A 185 -12.00 -5.98 2.29
CA THR A 185 -13.28 -6.53 1.84
C THR A 185 -13.28 -8.07 1.83
N TYR A 186 -14.31 -8.64 2.43
CA TYR A 186 -14.52 -10.10 2.41
C TYR A 186 -15.08 -10.55 1.07
N ASP A 187 -14.73 -11.77 0.68
CA ASP A 187 -15.17 -12.37 -0.59
C ASP A 187 -16.68 -12.29 -0.82
N ASP A 188 -17.45 -12.60 0.22
CA ASP A 188 -18.90 -12.71 0.13
C ASP A 188 -19.64 -11.39 0.37
N GLU A 189 -18.90 -10.31 0.58
CA GLU A 189 -19.50 -9.03 0.91
C GLU A 189 -19.40 -8.02 -0.23
N HIS A 190 -20.08 -6.88 -0.06
CA HIS A 190 -20.23 -5.88 -1.10
C HIS A 190 -18.88 -5.29 -1.56
N HIS A 191 -18.64 -5.34 -2.87
CA HIS A 191 -17.42 -4.81 -3.47
C HIS A 191 -17.64 -3.42 -4.07
N SER A 192 -16.97 -2.40 -3.53
CA SER A 192 -16.96 -1.06 -4.13
C SER A 192 -16.33 -1.13 -5.50
N THR A 193 -16.80 -0.31 -6.44
CA THR A 193 -16.22 -0.28 -7.78
C THR A 193 -14.84 0.37 -7.76
N LEU A 194 -14.75 1.59 -7.24
CA LEU A 194 -13.47 2.27 -7.15
C LEU A 194 -12.79 1.91 -5.83
N VAL A 195 -11.71 1.15 -5.93
CA VAL A 195 -10.84 0.88 -4.78
C VAL A 195 -9.38 1.22 -5.11
N SER A 196 -8.57 1.37 -4.06
CA SER A 196 -7.14 1.73 -4.15
C SER A 196 -6.91 3.21 -4.45
N THR A 197 -5.71 3.69 -4.11
CA THR A 197 -5.23 4.99 -4.54
C THR A 197 -4.72 4.81 -5.96
N ARG A 198 -5.04 5.76 -6.83
CA ARG A 198 -4.79 5.64 -8.28
C ARG A 198 -3.47 4.95 -8.66
N HIS A 199 -2.35 5.45 -8.12
CA HIS A 199 -1.02 4.93 -8.47
C HIS A 199 -0.86 3.41 -8.29
N TYR A 200 -1.82 2.79 -7.61
CA TYR A 200 -1.69 1.39 -7.21
C TYR A 200 -2.90 0.50 -7.53
N ARG A 201 -3.86 0.99 -8.31
CA ARG A 201 -4.98 0.09 -8.64
C ARG A 201 -4.74 -0.76 -9.88
N ALA A 202 -5.21 -2.00 -9.79
CA ALA A 202 -5.07 -2.99 -10.85
C ALA A 202 -5.91 -2.60 -12.07
N PRO A 203 -5.54 -3.12 -13.25
CA PRO A 203 -6.30 -2.87 -14.47
C PRO A 203 -7.76 -3.31 -14.38
N GLU A 204 -8.03 -4.44 -13.72
CA GLU A 204 -9.40 -4.96 -13.58
C GLU A 204 -10.28 -4.03 -12.73
N VAL A 205 -9.66 -3.26 -11.85
CA VAL A 205 -10.36 -2.29 -11.02
C VAL A 205 -10.75 -1.07 -11.85
N ILE A 206 -9.79 -0.51 -12.58
CA ILE A 206 -10.02 0.64 -13.46
C ILE A 206 -11.10 0.32 -14.49
N LEU A 207 -11.04 -0.88 -15.06
CA LEU A 207 -11.99 -1.29 -16.09
C LEU A 207 -13.27 -1.88 -15.51
N ALA A 208 -13.37 -1.86 -14.18
CA ALA A 208 -14.56 -2.31 -13.46
C ALA A 208 -14.99 -3.73 -13.84
N LEU A 209 -14.01 -4.61 -13.97
CA LEU A 209 -14.25 -5.97 -14.44
C LEU A 209 -14.52 -6.94 -13.28
N GLY A 210 -14.63 -6.39 -12.08
CA GLY A 210 -14.75 -7.23 -10.91
C GLY A 210 -13.36 -7.52 -10.41
N TRP A 211 -13.19 -7.51 -9.10
CA TRP A 211 -11.90 -7.71 -8.49
C TRP A 211 -12.00 -8.59 -7.27
N SER A 212 -10.88 -9.19 -6.89
CA SER A 212 -10.77 -9.96 -5.65
C SER A 212 -9.32 -9.86 -5.18
N GLN A 213 -8.80 -10.95 -4.61
CA GLN A 213 -7.44 -10.97 -4.06
C GLN A 213 -6.29 -10.57 -5.01
N PRO A 214 -6.36 -10.95 -6.31
CA PRO A 214 -5.31 -10.57 -7.25
C PRO A 214 -5.02 -9.06 -7.35
N CYS A 215 -5.99 -8.21 -7.05
CA CYS A 215 -5.75 -6.77 -7.13
C CYS A 215 -4.77 -6.27 -6.07
N ASP A 216 -4.67 -6.99 -4.95
CA ASP A 216 -3.60 -6.74 -3.97
C ASP A 216 -2.21 -7.07 -4.55
N VAL A 217 -2.12 -8.17 -5.29
CA VAL A 217 -0.86 -8.58 -5.90
C VAL A 217 -0.30 -7.49 -6.83
N TRP A 218 -1.17 -6.90 -7.65
CA TRP A 218 -0.82 -5.74 -8.49
C TRP A 218 -0.24 -4.58 -7.68
N SER A 219 -0.94 -4.19 -6.63
CA SER A 219 -0.52 -3.08 -5.77
C SER A 219 0.89 -3.30 -5.21
N ILE A 220 1.14 -4.51 -4.72
CA ILE A 220 2.46 -4.89 -4.19
C ILE A 220 3.53 -4.82 -5.27
N GLY A 221 3.18 -5.22 -6.49
CA GLY A 221 4.06 -5.09 -7.65
C GLY A 221 4.51 -3.65 -7.86
N CYS A 222 3.55 -2.73 -7.75
CA CYS A 222 3.80 -1.28 -7.84
C CYS A 222 4.59 -0.74 -6.67
N ILE A 223 4.36 -1.28 -5.46
CA ILE A 223 5.11 -0.88 -4.27
C ILE A 223 6.60 -1.27 -4.39
N LEU A 224 6.85 -2.49 -4.86
CA LEU A 224 8.23 -2.98 -5.03
C LEU A 224 9.05 -2.16 -6.03
N ILE A 225 8.42 -1.77 -7.13
CA ILE A 225 9.03 -0.83 -8.09
C ILE A 225 9.43 0.49 -7.43
N GLU A 226 8.54 1.02 -6.58
CA GLU A 226 8.78 2.29 -5.87
CA GLU A 226 8.79 2.28 -5.87
C GLU A 226 9.87 2.16 -4.79
N TYR A 227 9.99 0.98 -4.18
CA TYR A 227 11.08 0.71 -3.23
C TYR A 227 12.43 0.65 -3.96
N TYR A 228 12.39 0.12 -5.19
CA TYR A 228 13.59 -0.10 -5.99
C TYR A 228 14.09 1.19 -6.65
N LEU A 229 13.15 2.05 -7.03
CA LEU A 229 13.48 3.27 -7.76
C LEU A 229 13.48 4.53 -6.89
N GLY A 230 12.62 4.55 -5.87
CA GLY A 230 12.46 5.74 -5.03
C GLY A 230 11.42 6.70 -5.58
N PHE A 231 10.79 6.33 -6.70
CA PHE A 231 9.70 7.08 -7.32
C PHE A 231 8.72 6.14 -8.02
N THR A 232 7.49 6.61 -8.25
CA THR A 232 6.46 5.84 -8.96
C THR A 232 6.65 5.84 -10.47
N VAL A 233 6.32 4.73 -11.13
CA VAL A 233 6.35 4.68 -12.59
C VAL A 233 4.99 5.03 -13.20
N PHE A 234 4.00 5.24 -12.34
CA PHE A 234 2.68 5.70 -12.79
C PHE A 234 2.34 7.08 -12.22
N PRO A 235 3.07 8.13 -12.67
CA PRO A 235 2.85 9.42 -12.05
C PRO A 235 1.68 10.17 -12.70
N THR A 236 0.46 9.74 -12.39
CA THR A 236 -0.74 10.28 -13.02
C THR A 236 -1.90 10.49 -12.03
N HIS A 237 -2.88 11.27 -12.46
CA HIS A 237 -4.09 11.52 -11.69
C HIS A 237 -5.34 11.26 -12.56
N ASP A 238 -5.13 10.57 -13.67
CA ASP A 238 -6.18 10.33 -14.65
C ASP A 238 -6.17 8.84 -15.05
N SER A 239 -7.37 8.27 -15.13
CA SER A 239 -7.55 6.84 -15.43
C SER A 239 -7.00 6.43 -16.80
N LYS A 240 -7.39 7.15 -17.84
CA LYS A 240 -6.98 6.80 -19.20
C LYS A 240 -5.47 6.95 -19.39
N GLU A 241 -4.90 8.01 -18.81
CA GLU A 241 -3.47 8.22 -18.83
C GLU A 241 -2.74 7.11 -18.07
N HIS A 242 -3.32 6.68 -16.95
CA HIS A 242 -2.79 5.53 -16.21
C HIS A 242 -2.71 4.30 -17.12
N LEU A 243 -3.82 3.99 -17.80
CA LEU A 243 -3.86 2.88 -18.76
C LEU A 243 -2.81 3.02 -19.86
N ALA A 244 -2.62 4.24 -20.37
CA ALA A 244 -1.60 4.51 -21.39
C ALA A 244 -0.19 4.28 -20.88
N MET A 245 0.05 4.68 -19.63
CA MET A 245 1.32 4.43 -18.96
C MET A 245 1.57 2.93 -18.83
N MET A 246 0.52 2.20 -18.44
CA MET A 246 0.58 0.73 -18.37
C MET A 246 0.97 0.12 -19.71
N GLU A 247 0.37 0.62 -20.79
CA GLU A 247 0.62 0.07 -22.12
C GLU A 247 2.07 0.29 -22.55
N ARG A 248 2.61 1.45 -22.19
CA ARG A 248 3.99 1.76 -22.53
C ARG A 248 5.01 0.97 -21.68
N ILE A 249 4.63 0.65 -20.44
CA ILE A 249 5.54 -0.02 -19.52
C ILE A 249 5.42 -1.56 -19.63
N LEU A 250 4.18 -2.04 -19.83
CA LEU A 250 3.92 -3.48 -19.81
C LEU A 250 3.45 -4.05 -21.14
N GLY A 251 3.14 -3.19 -22.10
CA GLY A 251 2.55 -3.61 -23.37
C GLY A 251 1.05 -3.41 -23.40
N PRO A 252 0.44 -3.50 -24.61
CA PRO A 252 -1.00 -3.30 -24.76
C PRO A 252 -1.84 -4.23 -23.89
N LEU A 253 -2.98 -3.71 -23.42
CA LEU A 253 -3.98 -4.49 -22.69
C LEU A 253 -4.47 -5.68 -23.51
N PRO A 254 -4.81 -6.80 -22.84
CA PRO A 254 -5.37 -7.96 -23.53
C PRO A 254 -6.73 -7.62 -24.14
N LYS A 255 -6.94 -8.06 -25.37
CA LYS A 255 -8.15 -7.71 -26.11
C LYS A 255 -9.42 -8.19 -25.42
N HIS A 256 -9.36 -9.38 -24.82
CA HIS A 256 -10.51 -9.96 -24.14
C HIS A 256 -10.95 -9.12 -22.93
N MET A 257 -9.99 -8.48 -22.26
CA MET A 257 -10.30 -7.58 -21.15
C MET A 257 -10.96 -6.31 -21.65
N ILE A 258 -10.49 -5.80 -22.78
CA ILE A 258 -11.07 -4.60 -23.38
C ILE A 258 -12.48 -4.85 -23.90
N GLN A 259 -12.70 -6.02 -24.49
CA GLN A 259 -14.03 -6.39 -24.97
C GLN A 259 -15.06 -6.53 -23.85
N LYS A 260 -14.61 -6.91 -22.67
CA LYS A 260 -15.51 -7.17 -21.54
C LYS A 260 -15.87 -5.93 -20.71
N THR A 261 -15.09 -4.85 -20.83
CA THR A 261 -15.29 -3.66 -19.98
C THR A 261 -16.44 -2.76 -20.42
N ARG A 262 -17.15 -2.21 -19.43
CA ARG A 262 -18.22 -1.25 -19.66
CA ARG A 262 -18.22 -1.25 -19.71
C ARG A 262 -17.65 0.16 -19.88
N LYS A 263 -16.36 0.32 -19.57
CA LYS A 263 -15.65 1.59 -19.66
C LYS A 263 -15.31 1.92 -21.11
N ARG A 264 -16.35 2.05 -21.92
CA ARG A 264 -16.21 2.36 -23.34
C ARG A 264 -15.56 3.71 -23.61
N LYS A 265 -15.71 4.64 -22.67
CA LYS A 265 -15.13 5.98 -22.78
C LYS A 265 -13.60 5.98 -23.02
N TYR A 266 -12.90 4.95 -22.56
CA TYR A 266 -11.43 4.87 -22.72
C TYR A 266 -10.99 4.28 -24.06
N PHE A 267 -11.93 3.71 -24.81
CA PHE A 267 -11.55 2.92 -25.99
C PHE A 267 -12.23 3.36 -27.28
N HIS A 268 -11.65 2.95 -28.40
CA HIS A 268 -12.22 3.16 -29.72
C HIS A 268 -11.81 1.98 -30.58
N HIS A 269 -12.79 1.19 -30.99
CA HIS A 269 -12.56 -0.07 -31.70
C HIS A 269 -11.73 -1.07 -30.90
N ASP A 270 -11.99 -1.15 -29.60
CA ASP A 270 -11.31 -2.08 -28.68
C ASP A 270 -9.79 -1.86 -28.57
N ARG A 271 -9.36 -0.64 -28.87
CA ARG A 271 -7.99 -0.20 -28.64
C ARG A 271 -8.06 1.06 -27.77
N LEU A 272 -7.06 1.25 -26.92
CA LEU A 272 -7.04 2.42 -26.04
C LEU A 272 -7.10 3.70 -26.84
N ASP A 273 -8.04 4.57 -26.48
CA ASP A 273 -8.26 5.80 -27.23
C ASP A 273 -7.31 6.90 -26.74
N TRP A 274 -6.04 6.74 -27.11
CA TRP A 274 -4.98 7.58 -26.61
C TRP A 274 -4.43 8.48 -27.72
N ASP A 275 -4.50 9.79 -27.49
CA ASP A 275 -4.01 10.77 -28.44
C ASP A 275 -2.54 11.10 -28.20
N GLU A 276 -1.68 10.60 -29.09
CA GLU A 276 -0.23 10.81 -29.00
C GLU A 276 0.24 12.21 -29.46
N HIS A 277 -0.67 13.00 -30.01
CA HIS A 277 -0.37 14.39 -30.37
C HIS A 277 -0.77 15.38 -29.28
N SER A 278 -1.36 14.87 -28.21
CA SER A 278 -1.74 15.67 -27.05
C SER A 278 -0.57 15.91 -26.12
N SER A 279 -0.72 16.89 -25.25
CA SER A 279 0.25 17.20 -24.19
C SER A 279 0.45 15.99 -23.25
N ALA A 280 -0.67 15.40 -22.84
CA ALA A 280 -0.66 14.16 -22.05
C ALA A 280 0.09 13.04 -22.78
N GLY A 281 -0.15 12.93 -24.08
CA GLY A 281 0.51 11.95 -24.94
C GLY A 281 2.03 12.06 -24.94
N ARG A 282 2.54 13.29 -25.08
CA ARG A 282 3.98 13.53 -25.06
C ARG A 282 4.58 13.29 -23.69
N TYR A 283 3.83 13.66 -22.65
CA TYR A 283 4.25 13.45 -21.27
C TYR A 283 4.43 11.95 -20.93
N VAL A 284 3.49 11.12 -21.40
CA VAL A 284 3.56 9.68 -21.19
C VAL A 284 4.72 9.05 -21.97
N SER A 285 4.95 9.55 -23.18
CA SER A 285 6.02 9.04 -24.03
CA SER A 285 6.02 9.07 -24.05
C SER A 285 7.41 9.27 -23.46
N ARG A 286 7.61 10.40 -22.78
CA ARG A 286 8.94 10.71 -22.23
C ARG A 286 9.16 10.27 -20.78
N ARG A 287 8.08 10.11 -20.01
CA ARG A 287 8.18 9.63 -18.63
C ARG A 287 8.20 8.10 -18.51
N CYS A 288 7.53 7.41 -19.42
CA CYS A 288 7.41 5.94 -19.35
C CYS A 288 8.21 5.21 -20.41
N LYS A 289 8.62 4.00 -20.08
CA LYS A 289 9.36 3.10 -20.98
C LYS A 289 9.16 1.65 -20.51
N PRO A 290 9.53 0.65 -21.35
CA PRO A 290 9.38 -0.75 -20.95
C PRO A 290 9.95 -1.03 -19.57
N LEU A 291 9.28 -1.93 -18.84
CA LEU A 291 9.58 -2.21 -17.44
C LEU A 291 11.05 -2.54 -17.17
N LYS A 292 11.62 -3.42 -18.01
CA LYS A 292 12.99 -3.89 -17.84
C LYS A 292 14.04 -2.80 -18.04
N GLU A 293 13.67 -1.72 -18.71
CA GLU A 293 14.58 -0.60 -18.93
C GLU A 293 14.80 0.23 -17.66
N PHE A 294 13.93 0.04 -16.67
CA PHE A 294 14.07 0.71 -15.36
C PHE A 294 15.12 0.07 -14.44
N MET A 295 15.58 -1.14 -14.78
CA MET A 295 16.56 -1.88 -13.99
C MET A 295 17.90 -1.14 -13.83
N LEU A 296 18.46 -1.16 -12.62
CA LEU A 296 19.70 -0.44 -12.33
C LEU A 296 20.93 -1.34 -12.47
N SER A 297 20.71 -2.64 -12.58
CA SER A 297 21.78 -3.63 -12.72
C SER A 297 21.21 -4.86 -13.39
N GLN A 298 22.08 -5.64 -14.03
CA GLN A 298 21.68 -6.89 -14.65
C GLN A 298 22.08 -8.12 -13.84
N ASP A 299 22.66 -7.88 -12.65
CA ASP A 299 23.03 -8.97 -11.73
C ASP A 299 21.82 -9.86 -11.41
N VAL A 300 22.09 -11.13 -11.12
CA VAL A 300 21.06 -12.15 -10.87
C VAL A 300 19.87 -11.69 -10.00
N GLU A 301 20.16 -11.11 -8.84
CA GLU A 301 19.11 -10.75 -7.88
C GLU A 301 18.23 -9.58 -8.33
N HIS A 302 18.80 -8.70 -9.16
CA HIS A 302 18.04 -7.65 -9.83
C HIS A 302 17.09 -8.25 -10.86
N GLU A 303 17.60 -9.18 -11.65
CA GLU A 303 16.80 -9.94 -12.62
C GLU A 303 15.68 -10.73 -11.94
N ARG A 304 15.96 -11.26 -10.75
CA ARG A 304 14.96 -12.01 -10.00
C ARG A 304 13.81 -11.14 -9.49
N LEU A 305 14.14 -9.95 -8.97
CA LEU A 305 13.12 -9.00 -8.51
C LEU A 305 12.17 -8.59 -9.64
N PHE A 306 12.74 -8.25 -10.80
CA PHE A 306 11.94 -7.81 -11.94
C PHE A 306 11.16 -8.93 -12.62
N ASP A 307 11.64 -10.16 -12.51
CA ASP A 307 10.87 -11.31 -12.96
C ASP A 307 9.61 -11.44 -12.10
N LEU A 308 9.79 -11.31 -10.78
CA LEU A 308 8.68 -11.34 -9.84
C LEU A 308 7.71 -10.19 -10.07
N ILE A 309 8.26 -8.98 -10.23
CA ILE A 309 7.45 -7.79 -10.47
C ILE A 309 6.59 -7.94 -11.73
N GLN A 310 7.19 -8.44 -12.80
CA GLN A 310 6.48 -8.62 -14.07
C GLN A 310 5.33 -9.62 -13.94
N LYS A 311 5.54 -10.65 -13.14
CA LYS A 311 4.49 -11.63 -12.85
C LYS A 311 3.37 -11.00 -12.03
N MET A 312 3.73 -10.18 -11.04
CA MET A 312 2.75 -9.47 -10.23
C MET A 312 1.92 -8.47 -11.04
N LEU A 313 2.53 -7.89 -12.08
CA LEU A 313 1.87 -6.93 -12.96
C LEU A 313 1.34 -7.56 -14.25
N GLU A 314 1.02 -8.85 -14.19
CA GLU A 314 0.25 -9.53 -15.23
C GLU A 314 -1.12 -8.87 -15.31
N TYR A 315 -1.55 -8.53 -16.52
CA TYR A 315 -2.83 -7.84 -16.75
C TYR A 315 -4.05 -8.65 -16.30
N ASP A 316 -4.11 -9.90 -16.75
CA ASP A 316 -5.22 -10.79 -16.42
C ASP A 316 -5.10 -11.28 -14.97
N PRO A 317 -6.06 -10.92 -14.10
CA PRO A 317 -6.01 -11.31 -12.68
C PRO A 317 -6.08 -12.83 -12.48
N ALA A 318 -6.68 -13.54 -13.43
CA ALA A 318 -6.77 -15.00 -13.38
C ALA A 318 -5.43 -15.65 -13.69
N LYS A 319 -4.55 -14.95 -14.39
CA LYS A 319 -3.22 -15.45 -14.73
C LYS A 319 -2.15 -14.94 -13.79
N ARG A 320 -2.46 -13.86 -13.08
CA ARG A 320 -1.51 -13.20 -12.20
C ARG A 320 -1.01 -14.15 -11.12
N ILE A 321 0.27 -14.05 -10.79
CA ILE A 321 0.86 -14.85 -9.72
C ILE A 321 0.11 -14.60 -8.40
N THR A 322 -0.12 -15.66 -7.64
CA THR A 322 -0.67 -15.54 -6.29
C THR A 322 0.46 -15.26 -5.30
N LEU A 323 0.12 -14.73 -4.13
CA LEU A 323 1.13 -14.46 -3.11
C LEU A 323 1.76 -15.75 -2.60
N ARG A 324 0.96 -16.81 -2.60
CA ARG A 324 1.45 -18.13 -2.24
C ARG A 324 2.57 -18.57 -3.19
N GLU A 325 2.37 -18.37 -4.49
CA GLU A 325 3.38 -18.64 -5.51
C GLU A 325 4.53 -17.62 -5.41
N ALA A 326 4.21 -16.36 -5.15
CA ALA A 326 5.22 -15.31 -5.01
C ALA A 326 6.25 -15.63 -3.92
N LEU A 327 5.80 -16.20 -2.80
CA LEU A 327 6.68 -16.54 -1.69
C LEU A 327 7.70 -17.64 -2.02
N LYS A 328 7.44 -18.36 -3.11
CA LYS A 328 8.31 -19.44 -3.57
C LYS A 328 9.27 -18.99 -4.65
N HIS A 329 9.16 -17.73 -5.08
CA HIS A 329 10.04 -17.16 -6.10
C HIS A 329 11.51 -17.14 -5.63
N PRO A 330 12.45 -17.47 -6.54
CA PRO A 330 13.90 -17.51 -6.24
C PRO A 330 14.45 -16.21 -5.63
N PHE A 331 13.79 -15.08 -5.88
CA PHE A 331 14.19 -13.82 -5.27
C PHE A 331 14.29 -13.91 -3.73
N PHE A 332 13.45 -14.74 -3.12
CA PHE A 332 13.45 -14.89 -1.67
C PHE A 332 14.42 -15.95 -1.11
N ASP A 333 15.11 -16.67 -2.00
CA ASP A 333 16.05 -17.73 -1.59
C ASP A 333 17.12 -17.27 -0.60
N LEU A 334 17.65 -16.06 -0.81
CA LEU A 334 18.69 -15.51 0.04
C LEU A 334 18.27 -15.28 1.50
N LEU A 335 16.98 -15.42 1.77
CA LEU A 335 16.46 -15.28 3.13
C LEU A 335 16.70 -16.53 3.97
N LYS A 336 16.96 -17.65 3.29
CA LYS A 336 17.44 -18.86 3.95
C LYS A 336 18.95 -18.77 4.11
#